data_1T3F
#
_entry.id   1T3F
#
_cell.length_a   64.390
_cell.length_b   74.274
_cell.length_c   104.643
_cell.angle_alpha   90.00
_cell.angle_beta   90.00
_cell.angle_gamma   90.00
#
_symmetry.space_group_name_H-M   'P 21 21 21'
#
loop_
_entity.id
_entity.type
_entity.pdbx_description
1 polymer 'Huzaf antibody light chain'
2 polymer 'Huzaf antibody heavy chain'
3 water water
#
loop_
_entity_poly.entity_id
_entity_poly.type
_entity_poly.pdbx_seq_one_letter_code
_entity_poly.pdbx_strand_id
1 'polypeptide(L)'
;DIQMTQSPSTLSASVGDRVTITCKASENVDTYVSWYQQKPGKAPKLLIYGASNRYTGVPSRFSGSGSGTDFTLTISSLQP
DDFATYYCGQSYNYPFTFGQGTKVEVKRTVAAPSVFIFPPSDEQLKSGTASVVCLLNNFYPREAKVQWKVDNALQSGNSQ
ESVTEQDSKDSTYSLSSTLTLSKADYEKHKVYACEVTHQGLSSPVTKSFNRGEC
;
A
2 'polypeptide(L)'
;(PCA)VQLVQSGAELKKPGSSVKVSCKASGYIFTSSWINWVKQAPGQGLEWIGRIDPSDGEVHYNQDFKDKATLTVDKST
NTAYMELSSLRSEDTAVYYCARGFLPWFADWGQGTLVTVSSASTKGPSVFPLAPSSKSTSGGTAALGCLVKDYFPEPVTV
SWNSGALTSGVHTFPAVLQSSGLYSLSSVVTVPSSSLGTQTYICNVNHKPSNTKVDKKVEPKSC
;
B
#
# COMPACT_ATOMS: atom_id res chain seq x y z
N ASP A 1 22.45 7.62 -11.03
CA ASP A 1 22.88 8.57 -12.10
C ASP A 1 21.84 8.74 -13.24
N ILE A 2 21.69 7.73 -14.10
CA ILE A 2 20.73 7.80 -15.22
C ILE A 2 19.32 7.74 -14.66
N GLN A 3 18.57 8.81 -14.80
CA GLN A 3 17.17 8.88 -14.36
C GLN A 3 16.23 8.29 -15.40
N MET A 4 15.27 7.49 -14.95
CA MET A 4 14.24 6.95 -15.80
C MET A 4 12.93 7.60 -15.40
N THR A 5 12.31 8.26 -16.37
CA THR A 5 11.07 8.97 -16.15
C THR A 5 9.96 8.26 -16.89
N GLN A 6 8.97 7.73 -16.17
CA GLN A 6 7.83 7.06 -16.77
C GLN A 6 6.62 7.97 -16.88
N SER A 7 5.84 7.77 -17.94
CA SER A 7 4.53 8.39 -18.06
C SER A 7 3.58 7.48 -18.81
N PRO A 8 2.29 7.57 -18.49
CA PRO A 8 1.81 8.41 -17.39
C PRO A 8 2.05 7.74 -16.03
N SER A 9 1.81 8.49 -14.94
CA SER A 9 1.93 7.90 -13.60
C SER A 9 0.82 6.91 -13.35
N THR A 10 -0.34 7.24 -13.86
CA THR A 10 -1.50 6.40 -13.76
C THR A 10 -2.20 6.41 -15.09
N LEU A 11 -2.68 5.25 -15.45
CA LEU A 11 -3.30 5.01 -16.72
C LEU A 11 -4.58 4.27 -16.43
N SER A 12 -5.69 4.81 -16.90
CA SER A 12 -6.98 4.14 -16.72
C SER A 12 -7.40 3.51 -18.03
N ALA A 13 -7.76 2.24 -18.00
CA ALA A 13 -8.03 1.51 -19.22
C ALA A 13 -8.99 0.36 -19.01
N SER A 14 -9.51 -0.13 -20.13
CA SER A 14 -10.54 -1.15 -20.17
C SER A 14 -9.95 -2.38 -20.78
N VAL A 15 -10.49 -3.53 -20.40
CA VAL A 15 -10.16 -4.78 -21.07
C VAL A 15 -10.43 -4.64 -22.59
N GLY A 16 -9.50 -5.13 -23.39
CA GLY A 16 -9.50 -4.90 -24.82
C GLY A 16 -8.74 -3.68 -25.35
N ASP A 17 -8.41 -2.72 -24.48
CA ASP A 17 -7.61 -1.57 -24.90
C ASP A 17 -6.17 -1.94 -25.28
N ARG A 18 -5.62 -1.15 -26.21
CA ARG A 18 -4.21 -1.11 -26.47
C ARG A 18 -3.63 -0.03 -25.54
N VAL A 19 -2.62 -0.43 -24.76
CA VAL A 19 -2.05 0.38 -23.72
C VAL A 19 -0.61 0.59 -24.06
N THR A 20 -0.14 1.81 -23.87
CA THR A 20 1.25 2.16 -24.13
C THR A 20 1.77 3.00 -22.96
N ILE A 21 2.88 2.56 -22.40
CA ILE A 21 3.57 3.23 -21.32
C ILE A 21 4.94 3.64 -21.82
N THR A 22 5.36 4.82 -21.42
CA THR A 22 6.56 5.44 -21.93
C THR A 22 7.59 5.61 -20.83
N CYS A 23 8.86 5.50 -21.20
CA CYS A 23 9.96 5.60 -20.29
C CYS A 23 11.09 6.34 -21.00
N LYS A 24 11.62 7.36 -20.34
CA LYS A 24 12.65 8.19 -20.92
C LYS A 24 13.89 8.18 -20.02
N ALA A 25 15.03 7.79 -20.57
CA ALA A 25 16.29 7.88 -19.86
C ALA A 25 16.94 9.26 -20.04
N SER A 26 17.66 9.69 -19.01
CA SER A 26 18.30 11.02 -19.01
C SER A 26 19.61 11.02 -19.82
N GLU A 27 20.20 9.83 -19.99
CA GLU A 27 21.38 9.58 -20.83
C GLU A 27 21.07 8.37 -21.75
N ASN A 28 21.88 8.21 -22.79
CA ASN A 28 21.78 7.08 -23.71
C ASN A 28 21.99 5.77 -22.97
N VAL A 29 21.08 4.81 -23.17
CA VAL A 29 21.21 3.48 -22.59
C VAL A 29 21.17 2.36 -23.63
N ASP A 30 21.34 2.73 -24.91
CA ASP A 30 21.31 1.76 -25.97
C ASP A 30 19.94 1.07 -25.99
N THR A 31 19.91 -0.26 -25.88
CA THR A 31 18.66 -0.97 -25.64
C THR A 31 18.65 -1.81 -24.35
N TYR A 32 19.43 -1.41 -23.36
CA TYR A 32 19.45 -2.16 -22.10
C TYR A 32 18.35 -1.64 -21.19
N VAL A 33 17.11 -1.86 -21.58
CA VAL A 33 15.96 -1.44 -20.83
C VAL A 33 15.10 -2.67 -20.62
N SER A 34 14.62 -2.81 -19.39
CA SER A 34 13.72 -3.91 -19.07
C SER A 34 12.42 -3.36 -18.49
N TRP A 35 11.34 -4.12 -18.66
CA TRP A 35 10.05 -3.79 -18.08
C TRP A 35 9.62 -4.88 -17.11
N TYR A 36 9.09 -4.45 -15.97
CA TYR A 36 8.63 -5.32 -14.91
C TYR A 36 7.20 -5.02 -14.54
N GLN A 37 6.45 -6.07 -14.18
CA GLN A 37 5.10 -5.93 -13.67
C GLN A 37 5.11 -6.20 -12.17
N GLN A 38 4.39 -5.42 -11.38
CA GLN A 38 4.28 -5.71 -9.96
C GLN A 38 2.84 -5.59 -9.47
N LYS A 39 2.38 -6.59 -8.71
CA LYS A 39 1.07 -6.58 -8.05
C LYS A 39 1.27 -6.50 -6.53
N PRO A 40 0.31 -5.96 -5.78
CA PRO A 40 0.51 -5.73 -4.34
C PRO A 40 0.94 -6.97 -3.61
N GLY A 41 1.89 -6.79 -2.70
CA GLY A 41 2.45 -7.89 -1.95
C GLY A 41 3.36 -8.83 -2.71
N LYS A 42 3.65 -8.57 -3.98
CA LYS A 42 4.45 -9.50 -4.78
C LYS A 42 5.73 -8.86 -5.27
N ALA A 43 6.71 -9.67 -5.59
CA ALA A 43 7.94 -9.19 -6.17
C ALA A 43 7.69 -8.78 -7.62
N PRO A 44 8.52 -7.89 -8.16
CA PRO A 44 8.44 -7.60 -9.59
C PRO A 44 8.68 -8.85 -10.44
N LYS A 45 8.07 -8.86 -11.61
CA LYS A 45 8.16 -9.97 -12.55
C LYS A 45 8.64 -9.39 -13.91
N LEU A 46 9.61 -10.05 -14.53
CA LEU A 46 10.19 -9.56 -15.78
C LEU A 46 9.27 -9.86 -16.96
N LEU A 47 8.99 -8.84 -17.76
CA LEU A 47 8.20 -8.98 -18.99
C LEU A 47 9.08 -8.88 -20.22
N ILE A 48 9.90 -7.84 -20.27
CA ILE A 48 10.69 -7.49 -21.43
C ILE A 48 12.09 -7.15 -20.98
N TYR A 49 13.08 -7.69 -21.69
CA TYR A 49 14.49 -7.36 -21.52
C TYR A 49 15.10 -6.97 -22.91
N GLY A 50 16.13 -6.14 -22.90
CA GLY A 50 16.80 -5.75 -24.11
C GLY A 50 15.95 -4.82 -24.97
N ALA A 51 15.07 -4.06 -24.30
CA ALA A 51 14.17 -3.13 -24.93
C ALA A 51 12.98 -3.78 -25.63
N SER A 52 13.19 -4.94 -26.24
CA SER A 52 12.17 -5.55 -27.10
C SER A 52 11.96 -7.06 -26.99
N ASN A 53 12.75 -7.76 -26.18
CA ASN A 53 12.61 -9.21 -26.08
C ASN A 53 11.68 -9.64 -24.96
N ARG A 54 10.73 -10.50 -25.29
CA ARG A 54 9.77 -11.06 -24.38
C ARG A 54 10.45 -12.13 -23.54
N TYR A 55 10.40 -12.00 -22.21
CA TYR A 55 10.94 -13.06 -21.35
C TYR A 55 10.10 -14.35 -21.48
N THR A 56 10.72 -15.50 -21.25
CA THR A 56 10.02 -16.80 -21.35
C THR A 56 8.71 -16.87 -20.49
N GLY A 57 7.63 -17.34 -21.10
CA GLY A 57 6.35 -17.42 -20.42
C GLY A 57 5.49 -16.20 -20.59
N VAL A 58 6.08 -15.07 -20.98
CA VAL A 58 5.35 -13.82 -21.07
C VAL A 58 4.45 -13.85 -22.30
N PRO A 59 3.15 -13.60 -22.16
CA PRO A 59 2.23 -13.59 -23.30
C PRO A 59 2.63 -12.61 -24.40
N SER A 60 2.29 -12.98 -25.61
CA SER A 60 2.58 -12.22 -26.82
C SER A 60 1.93 -10.83 -26.87
N ARG A 61 0.88 -10.59 -26.07
CA ARG A 61 0.29 -9.25 -26.05
C ARG A 61 1.26 -8.17 -25.55
N PHE A 62 2.26 -8.58 -24.77
CA PHE A 62 3.36 -7.68 -24.33
C PHE A 62 4.46 -7.52 -25.38
N SER A 63 4.80 -6.27 -25.71
CA SER A 63 5.95 -5.96 -26.55
C SER A 63 6.57 -4.67 -26.07
N GLY A 64 7.81 -4.44 -26.46
CA GLY A 64 8.45 -3.14 -26.24
C GLY A 64 9.29 -2.74 -27.44
N SER A 65 9.52 -1.43 -27.54
CA SER A 65 10.38 -0.86 -28.57
C SER A 65 11.12 0.34 -28.01
N GLY A 66 12.06 0.85 -28.80
CA GLY A 66 12.87 1.99 -28.43
C GLY A 66 14.36 1.72 -28.35
N SER A 67 15.11 2.80 -28.44
CA SER A 67 16.55 2.75 -28.34
C SER A 67 17.01 4.17 -27.98
N GLY A 68 18.24 4.31 -27.49
CA GLY A 68 18.74 5.60 -27.05
C GLY A 68 18.17 6.06 -25.70
N THR A 69 17.23 7.00 -25.74
CA THR A 69 16.61 7.54 -24.53
C THR A 69 15.11 7.32 -24.41
N ASP A 70 14.44 6.86 -25.47
CA ASP A 70 12.99 6.73 -25.48
C ASP A 70 12.56 5.30 -25.63
N PHE A 71 11.65 4.85 -24.76
CA PHE A 71 11.22 3.46 -24.73
C PHE A 71 9.73 3.38 -24.47
N THR A 72 9.09 2.36 -25.01
CA THR A 72 7.70 2.06 -24.68
C THR A 72 7.46 0.60 -24.39
N LEU A 73 6.47 0.36 -23.55
CA LEU A 73 5.90 -0.96 -23.35
C LEU A 73 4.50 -0.88 -23.89
N THR A 74 4.11 -1.88 -24.68
CA THR A 74 2.78 -1.94 -25.22
C THR A 74 2.08 -3.21 -24.84
N ILE A 75 0.83 -3.09 -24.43
CA ILE A 75 -0.04 -4.25 -24.30
C ILE A 75 -1.11 -4.09 -25.39
N SER A 76 -1.15 -5.05 -26.31
CA SER A 76 -1.92 -4.92 -27.55
C SER A 76 -3.42 -5.00 -27.31
N SER A 77 -3.80 -5.82 -26.33
CA SER A 77 -5.18 -5.99 -25.90
C SER A 77 -5.22 -6.37 -24.41
N LEU A 78 -5.65 -5.43 -23.59
CA LEU A 78 -5.49 -5.50 -22.13
C LEU A 78 -6.36 -6.59 -21.56
N GLN A 79 -5.78 -7.46 -20.72
CA GLN A 79 -6.54 -8.53 -20.10
C GLN A 79 -6.76 -8.29 -18.60
N PRO A 80 -7.75 -8.97 -18.01
CA PRO A 80 -8.07 -8.75 -16.59
C PRO A 80 -6.89 -8.93 -15.61
N ASP A 81 -5.93 -9.78 -15.95
CA ASP A 81 -4.74 -10.07 -15.13
C ASP A 81 -3.63 -8.99 -15.29
N ASP A 82 -3.84 -7.98 -16.14
CA ASP A 82 -2.80 -7.01 -16.47
C ASP A 82 -2.83 -5.70 -15.69
N PHE A 83 -3.89 -5.48 -14.92
CA PHE A 83 -3.98 -4.32 -14.07
C PHE A 83 -2.98 -4.54 -12.91
N ALA A 84 -2.02 -3.62 -12.83
CA ALA A 84 -0.81 -3.79 -12.02
C ALA A 84 0.00 -2.52 -12.17
N THR A 85 1.12 -2.45 -11.49
CA THR A 85 2.09 -1.36 -11.71
C THR A 85 3.20 -1.90 -12.59
N TYR A 86 3.69 -1.08 -13.51
CA TYR A 86 4.77 -1.45 -14.42
C TYR A 86 5.95 -0.52 -14.22
N TYR A 87 7.15 -1.08 -14.25
CA TYR A 87 8.36 -0.32 -14.05
C TYR A 87 9.27 -0.58 -15.26
N CYS A 88 9.95 0.46 -15.72
CA CYS A 88 11.08 0.26 -16.59
C CYS A 88 12.35 0.38 -15.80
N GLY A 89 13.45 -0.14 -16.36
CA GLY A 89 14.71 -0.07 -15.67
C GLY A 89 15.83 -0.14 -16.66
N GLN A 90 16.90 0.60 -16.40
CA GLN A 90 18.11 0.50 -17.23
C GLN A 90 19.20 -0.30 -16.53
N SER A 91 19.92 -1.08 -17.35
CA SER A 91 21.06 -1.90 -16.94
C SER A 91 22.26 -1.63 -17.85
N TYR A 92 22.32 -0.40 -18.36
CA TYR A 92 23.39 0.05 -19.24
C TYR A 92 24.61 0.43 -18.41
N ASN A 93 24.41 1.16 -17.31
CA ASN A 93 25.51 1.51 -16.40
C ASN A 93 25.07 1.44 -14.92
N TYR A 94 26.00 1.09 -14.04
CA TYR A 94 25.74 1.07 -12.58
C TYR A 94 25.82 2.51 -12.05
N PRO A 95 24.96 2.90 -11.09
CA PRO A 95 23.94 2.02 -10.50
C PRO A 95 22.78 1.78 -11.46
N PHE A 96 22.30 0.53 -11.52
CA PHE A 96 21.07 0.28 -12.24
C PHE A 96 19.99 1.14 -11.57
N THR A 97 19.11 1.73 -12.37
CA THR A 97 18.01 2.54 -11.89
C THR A 97 16.69 2.15 -12.58
N PHE A 98 15.59 2.61 -11.98
CA PHE A 98 14.24 2.28 -12.41
C PHE A 98 13.40 3.54 -12.49
N GLY A 99 12.40 3.52 -13.36
CA GLY A 99 11.32 4.50 -13.39
C GLY A 99 10.44 4.44 -12.15
N GLN A 100 9.64 5.49 -11.93
CA GLN A 100 8.81 5.55 -10.72
C GLN A 100 7.53 4.76 -10.81
N GLY A 101 7.29 4.15 -11.96
CA GLY A 101 6.16 3.28 -12.12
C GLY A 101 4.92 3.91 -12.76
N THR A 102 4.18 3.07 -13.45
CA THR A 102 2.87 3.41 -14.00
C THR A 102 1.86 2.40 -13.48
N LYS A 103 0.85 2.89 -12.77
CA LYS A 103 -0.22 2.05 -12.33
C LYS A 103 -1.30 2.03 -13.38
N VAL A 104 -1.63 0.83 -13.87
CA VAL A 104 -2.72 0.61 -14.81
C VAL A 104 -3.90 0.10 -14.03
N GLU A 105 -4.97 0.91 -13.98
CA GLU A 105 -6.19 0.60 -13.27
C GLU A 105 -7.41 0.54 -14.21
N VAL A 106 -8.50 0.01 -13.69
CA VAL A 106 -9.68 -0.27 -14.51
C VAL A 106 -10.53 1.01 -14.69
N LYS A 107 -10.73 1.41 -15.95
CA LYS A 107 -11.64 2.49 -16.26
C LYS A 107 -13.09 2.01 -16.09
N ARG A 108 -13.94 2.87 -15.56
CA ARG A 108 -15.36 2.63 -15.49
C ARG A 108 -16.07 3.98 -15.46
N THR A 109 -17.41 3.97 -15.44
CA THR A 109 -18.14 5.24 -15.39
C THR A 109 -17.87 5.91 -14.04
N VAL A 110 -17.83 7.23 -14.06
CA VAL A 110 -17.68 8.01 -12.85
C VAL A 110 -18.80 7.65 -11.87
N ALA A 111 -18.45 7.49 -10.60
CA ALA A 111 -19.42 7.18 -9.57
C ALA A 111 -19.14 8.02 -8.32
N ALA A 112 -20.13 8.75 -7.85
CA ALA A 112 -19.96 9.60 -6.68
C ALA A 112 -19.96 8.71 -5.44
N PRO A 113 -19.23 9.11 -4.41
CA PRO A 113 -19.25 8.39 -3.15
C PRO A 113 -20.55 8.59 -2.37
N SER A 114 -20.98 7.55 -1.66
CA SER A 114 -21.84 7.66 -0.51
C SER A 114 -20.96 8.05 0.68
N VAL A 115 -21.38 9.05 1.45
CA VAL A 115 -20.58 9.58 2.53
C VAL A 115 -21.29 9.30 3.84
N PHE A 116 -20.50 8.91 4.83
CA PHE A 116 -21.00 8.66 6.18
C PHE A 116 -20.03 9.22 7.22
N ILE A 117 -20.59 9.83 8.27
CA ILE A 117 -19.80 10.35 9.37
C ILE A 117 -20.16 9.62 10.69
N PHE A 118 -19.13 9.39 11.48
CA PHE A 118 -19.22 8.64 12.72
C PHE A 118 -18.61 9.44 13.85
N PRO A 119 -19.40 9.79 14.87
CA PRO A 119 -18.83 10.48 16.02
C PRO A 119 -17.92 9.53 16.79
N PRO A 120 -17.06 10.08 17.63
CA PRO A 120 -16.31 9.25 18.58
C PRO A 120 -17.21 8.54 19.59
N SER A 121 -16.89 7.29 19.91
CA SER A 121 -17.59 6.54 20.94
C SER A 121 -17.33 7.11 22.31
N ASP A 122 -18.31 6.92 23.19
CA ASP A 122 -18.12 7.24 24.62
C ASP A 122 -16.97 6.46 25.22
N GLU A 123 -16.87 5.19 24.87
CA GLU A 123 -15.76 4.35 25.36
C GLU A 123 -14.40 5.02 25.08
N GLN A 124 -14.17 5.51 23.85
CA GLN A 124 -12.90 6.18 23.54
C GLN A 124 -12.71 7.49 24.29
N LEU A 125 -13.79 8.25 24.46
CA LEU A 125 -13.69 9.56 25.09
C LEU A 125 -13.14 9.46 26.52
N LYS A 126 -13.46 8.37 27.22
CA LYS A 126 -12.90 8.10 28.58
C LYS A 126 -11.36 8.09 28.63
N SER A 127 -10.69 7.92 27.48
CA SER A 127 -9.25 7.83 27.46
C SER A 127 -8.57 9.15 27.09
N GLY A 128 -9.36 10.20 26.88
CA GLY A 128 -8.81 11.53 26.64
C GLY A 128 -8.66 11.92 25.17
N THR A 129 -9.08 11.05 24.26
CA THR A 129 -8.94 11.32 22.83
C THR A 129 -10.21 11.05 22.07
N ALA A 130 -10.47 11.85 21.02
CA ALA A 130 -11.62 11.72 20.14
C ALA A 130 -11.17 11.46 18.68
N SER A 131 -11.74 10.41 18.07
CA SER A 131 -11.52 10.09 16.66
C SER A 131 -12.88 10.19 15.97
N VAL A 132 -12.99 11.09 15.00
CA VAL A 132 -14.18 11.29 14.22
C VAL A 132 -13.84 10.71 12.86
N VAL A 133 -14.73 9.89 12.32
CA VAL A 133 -14.39 9.18 11.11
C VAL A 133 -15.38 9.53 10.01
N CYS A 134 -14.85 9.70 8.80
CA CYS A 134 -15.64 9.95 7.60
C CYS A 134 -15.34 8.92 6.52
N LEU A 135 -16.38 8.20 6.08
CA LEU A 135 -16.28 7.17 5.05
C LEU A 135 -16.87 7.65 3.70
N LEU A 136 -16.09 7.48 2.64
CA LEU A 136 -16.48 7.78 1.28
C LEU A 136 -16.48 6.41 0.62
N ASN A 137 -17.67 5.92 0.28
CA ASN A 137 -17.86 4.53 -0.14
C ASN A 137 -18.11 4.39 -1.65
N ASN A 138 -17.35 3.50 -2.29
CA ASN A 138 -17.60 3.02 -3.65
C ASN A 138 -17.68 4.15 -4.70
N PHE A 139 -16.60 4.89 -4.86
CA PHE A 139 -16.52 5.96 -5.84
C PHE A 139 -15.48 5.69 -6.94
N TYR A 140 -15.58 6.42 -8.04
CA TYR A 140 -14.64 6.33 -9.16
C TYR A 140 -14.67 7.66 -9.89
N PRO A 141 -13.55 8.27 -10.26
CA PRO A 141 -12.19 7.75 -10.06
C PRO A 141 -11.65 7.98 -8.64
N ARG A 142 -10.38 7.63 -8.46
CA ARG A 142 -9.72 7.60 -7.15
C ARG A 142 -9.60 8.96 -6.44
N GLU A 143 -9.50 10.04 -7.23
CA GLU A 143 -9.27 11.38 -6.72
C GLU A 143 -10.51 11.85 -5.95
N ALA A 144 -10.30 12.21 -4.69
CA ALA A 144 -11.37 12.66 -3.79
C ALA A 144 -10.75 13.56 -2.72
N LYS A 145 -11.52 14.49 -2.20
CA LYS A 145 -11.01 15.39 -1.16
C LYS A 145 -12.00 15.48 -0.02
N VAL A 146 -11.47 15.29 1.19
CA VAL A 146 -12.21 15.45 2.41
C VAL A 146 -11.74 16.73 3.07
N GLN A 147 -12.68 17.55 3.49
CA GLN A 147 -12.38 18.73 4.29
C GLN A 147 -13.18 18.59 5.57
N TRP A 148 -12.48 18.53 6.69
CA TRP A 148 -13.09 18.52 8.01
C TRP A 148 -13.33 19.93 8.46
N LYS A 149 -14.53 20.21 8.96
CA LYS A 149 -14.85 21.49 9.53
C LYS A 149 -15.44 21.29 10.92
N VAL A 150 -15.00 22.11 11.87
CA VAL A 150 -15.44 22.03 13.23
C VAL A 150 -15.96 23.44 13.54
N ASP A 151 -17.27 23.56 13.75
CA ASP A 151 -17.92 24.86 13.94
C ASP A 151 -17.45 25.81 12.84
N ASN A 152 -17.49 25.31 11.59
CA ASN A 152 -17.10 26.04 10.39
C ASN A 152 -15.60 26.30 10.20
N ALA A 153 -14.77 25.95 11.17
CA ALA A 153 -13.30 26.10 10.98
C ALA A 153 -12.77 24.92 10.21
N LEU A 154 -12.12 25.19 9.09
CA LEU A 154 -11.44 24.15 8.34
C LEU A 154 -10.26 23.61 9.13
N GLN A 155 -10.21 22.30 9.27
CA GLN A 155 -9.16 21.64 10.02
C GLN A 155 -8.09 21.17 9.05
N SER A 156 -6.85 21.36 9.43
CA SER A 156 -5.75 20.91 8.62
C SER A 156 -4.63 20.41 9.50
N GLY A 157 -4.04 19.28 9.11
CA GLY A 157 -2.87 18.73 9.77
C GLY A 157 -3.19 17.74 10.88
N ASN A 158 -4.47 17.56 11.20
CA ASN A 158 -4.91 16.73 12.31
C ASN A 158 -5.83 15.58 11.82
N SER A 159 -5.66 15.22 10.57
CA SER A 159 -6.39 14.12 9.96
C SER A 159 -5.42 13.21 9.19
N GLN A 160 -5.86 11.96 9.03
CA GLN A 160 -5.16 11.02 8.20
C GLN A 160 -6.22 10.21 7.48
N GLU A 161 -5.89 9.74 6.29
CA GLU A 161 -6.82 8.98 5.50
C GLU A 161 -6.09 7.88 4.77
N SER A 162 -6.83 6.86 4.36
CA SER A 162 -6.32 5.86 3.47
C SER A 162 -7.41 5.40 2.50
N VAL A 163 -6.96 4.74 1.43
CA VAL A 163 -7.81 4.36 0.30
C VAL A 163 -7.63 2.87 -0.01
N THR A 164 -8.73 2.16 -0.28
CA THR A 164 -8.63 0.75 -0.62
C THR A 164 -8.11 0.60 -2.03
N GLU A 165 -7.61 -0.59 -2.31
CA GLU A 165 -7.31 -0.94 -3.68
C GLU A 165 -8.62 -1.05 -4.46
N GLN A 166 -8.52 -0.78 -5.76
CA GLN A 166 -9.67 -0.87 -6.62
C GLN A 166 -10.40 -2.20 -6.44
N ASP A 167 -11.71 -2.14 -6.35
CA ASP A 167 -12.52 -3.29 -6.03
C ASP A 167 -12.53 -4.23 -7.25
N SER A 168 -12.37 -5.53 -7.03
CA SER A 168 -12.27 -6.51 -8.14
C SER A 168 -13.61 -6.76 -8.84
N LYS A 169 -14.72 -6.49 -8.17
CA LYS A 169 -16.06 -6.67 -8.73
C LYS A 169 -16.63 -5.40 -9.45
N ASP A 170 -16.64 -4.25 -8.78
CA ASP A 170 -17.23 -3.07 -9.36
C ASP A 170 -16.23 -1.98 -9.73
N SER A 171 -14.94 -2.22 -9.50
CA SER A 171 -13.87 -1.29 -9.89
C SER A 171 -13.91 0.08 -9.21
N THR A 172 -14.48 0.18 -8.02
CA THR A 172 -14.54 1.43 -7.27
C THR A 172 -13.49 1.47 -6.18
N TYR A 173 -13.35 2.65 -5.58
CA TYR A 173 -12.44 2.93 -4.48
C TYR A 173 -13.31 3.36 -3.29
N SER A 174 -12.79 3.13 -2.09
CA SER A 174 -13.33 3.70 -0.87
C SER A 174 -12.22 4.37 -0.05
N LEU A 175 -12.61 5.37 0.73
CA LEU A 175 -11.65 6.12 1.49
C LEU A 175 -12.19 6.31 2.91
N SER A 176 -11.31 6.22 3.87
CA SER A 176 -11.63 6.47 5.28
C SER A 176 -10.71 7.57 5.74
N SER A 177 -11.27 8.56 6.42
CA SER A 177 -10.51 9.67 6.97
C SER A 177 -10.82 9.79 8.45
N THR A 178 -9.78 9.99 9.26
CA THR A 178 -9.90 10.18 10.72
C THR A 178 -9.36 11.53 11.15
N LEU A 179 -10.23 12.33 11.77
CA LEU A 179 -9.85 13.56 12.44
C LEU A 179 -9.66 13.22 13.90
N THR A 180 -8.51 13.59 14.48
CA THR A 180 -8.17 13.27 15.86
C THR A 180 -7.95 14.58 16.62
N LEU A 181 -8.69 14.72 17.72
CA LEU A 181 -8.68 15.88 18.60
C LEU A 181 -8.57 15.34 20.02
N SER A 182 -8.11 16.15 20.97
CA SER A 182 -8.19 15.79 22.37
C SER A 182 -9.67 15.80 22.80
N LYS A 183 -9.99 15.09 23.87
CA LYS A 183 -11.36 15.11 24.41
C LYS A 183 -11.68 16.53 24.83
N ALA A 184 -10.73 17.21 25.42
CA ALA A 184 -10.97 18.60 25.85
C ALA A 184 -11.37 19.45 24.65
N ASP A 185 -10.64 19.35 23.54
CA ASP A 185 -11.00 20.13 22.33
C ASP A 185 -12.33 19.69 21.73
N TYR A 186 -12.56 18.39 21.67
CA TYR A 186 -13.84 17.83 21.16
C TYR A 186 -15.08 18.44 21.86
N GLU A 187 -14.98 18.55 23.17
CA GLU A 187 -16.09 19.00 24.01
C GLU A 187 -16.25 20.52 24.00
N LYS A 188 -15.27 21.24 23.45
CA LYS A 188 -15.38 22.67 23.24
C LYS A 188 -16.17 23.06 22.01
N HIS A 189 -16.46 22.12 21.10
CA HIS A 189 -17.19 22.44 19.86
C HIS A 189 -18.46 21.62 19.66
N LYS A 190 -19.33 22.10 18.79
CA LYS A 190 -20.66 21.50 18.60
C LYS A 190 -20.79 20.77 17.27
N VAL A 191 -20.51 21.44 16.16
CA VAL A 191 -20.80 20.89 14.85
C VAL A 191 -19.56 20.28 14.20
N TYR A 192 -19.61 18.99 13.95
CA TYR A 192 -18.54 18.24 13.27
C TYR A 192 -18.99 17.89 11.85
N ALA A 193 -18.23 18.31 10.86
CA ALA A 193 -18.65 18.14 9.48
C ALA A 193 -17.53 17.55 8.61
N CYS A 194 -17.92 16.58 7.79
CA CYS A 194 -17.06 16.04 6.76
C CYS A 194 -17.60 16.51 5.38
N GLU A 195 -16.83 17.31 4.66
CA GLU A 195 -17.20 17.83 3.36
C GLU A 195 -16.38 17.17 2.26
N VAL A 196 -17.08 16.49 1.36
CA VAL A 196 -16.49 15.66 0.34
C VAL A 196 -16.66 16.31 -1.04
N THR A 197 -15.55 16.40 -1.76
CA THR A 197 -15.46 16.91 -3.11
C THR A 197 -15.00 15.73 -3.98
N HIS A 198 -15.71 15.52 -5.10
CA HIS A 198 -15.40 14.45 -6.06
C HIS A 198 -16.00 14.85 -7.42
N GLN A 199 -15.36 14.43 -8.51
CA GLN A 199 -15.81 14.86 -9.82
C GLN A 199 -17.20 14.32 -10.18
N GLY A 200 -17.61 13.24 -9.52
CA GLY A 200 -18.96 12.71 -9.64
C GLY A 200 -20.02 13.53 -8.91
N LEU A 201 -19.62 14.42 -8.01
CA LEU A 201 -20.57 15.27 -7.29
C LEU A 201 -20.63 16.65 -7.90
N SER A 202 -21.84 17.10 -8.26
CA SER A 202 -21.99 18.41 -8.87
C SER A 202 -21.55 19.50 -7.95
N SER A 203 -21.81 19.29 -6.66
CA SER A 203 -21.28 20.17 -5.61
C SER A 203 -20.92 19.36 -4.35
N PRO A 204 -20.16 19.94 -3.45
CA PRO A 204 -19.66 19.18 -2.31
C PRO A 204 -20.81 18.56 -1.51
N VAL A 205 -20.62 17.32 -1.05
CA VAL A 205 -21.50 16.71 -0.05
C VAL A 205 -20.94 16.87 1.38
N THR A 206 -21.75 17.39 2.30
CA THR A 206 -21.38 17.47 3.71
C THR A 206 -22.26 16.56 4.55
N LYS A 207 -21.62 15.71 5.36
CA LYS A 207 -22.29 15.00 6.45
C LYS A 207 -21.80 15.54 7.76
N SER A 208 -22.72 15.72 8.70
CA SER A 208 -22.39 16.31 10.00
C SER A 208 -23.20 15.71 11.15
N PHE A 209 -22.70 15.94 12.34
CA PHE A 209 -23.44 15.67 13.55
C PHE A 209 -23.16 16.81 14.53
N ASN A 210 -24.06 17.01 15.48
CA ASN A 210 -23.84 17.92 16.61
C ASN A 210 -23.52 17.08 17.84
N ARG A 211 -22.36 17.31 18.46
CA ARG A 211 -21.96 16.65 19.69
C ARG A 211 -23.08 16.81 20.72
N GLY A 212 -23.40 15.72 21.42
CA GLY A 212 -24.40 15.76 22.48
C GLY A 212 -25.61 14.88 22.20
N GLU A 213 -25.93 14.73 20.92
CA GLU A 213 -26.84 13.71 20.40
C GLU A 213 -27.65 14.30 19.24
N CYS A 214 -28.65 15.12 19.57
CA CYS A 214 -29.68 15.49 18.59
C CYS A 214 -30.55 16.69 19.03
N VAL B 2 14.24 -22.37 -10.61
CA VAL B 2 14.94 -21.40 -9.79
C VAL B 2 14.03 -20.85 -8.69
N GLN B 3 14.51 -20.93 -7.46
CA GLN B 3 13.88 -20.23 -6.35
C GLN B 3 14.94 -19.44 -5.58
N LEU B 4 14.59 -18.19 -5.25
CA LEU B 4 15.29 -17.35 -4.26
C LEU B 4 14.38 -17.16 -3.03
N VAL B 5 14.83 -17.64 -1.88
CA VAL B 5 14.01 -17.67 -0.67
C VAL B 5 14.68 -16.80 0.36
N GLN B 6 14.00 -15.73 0.74
CA GLN B 6 14.55 -14.76 1.66
C GLN B 6 14.06 -14.99 3.08
N SER B 7 14.79 -14.46 4.05
CA SER B 7 14.43 -14.53 5.46
C SER B 7 13.16 -13.69 5.78
N GLY B 8 12.57 -13.91 6.95
CA GLY B 8 11.33 -13.26 7.38
C GLY B 8 11.49 -11.79 7.78
N ALA B 9 10.34 -11.14 7.96
CA ALA B 9 10.24 -9.74 8.33
C ALA B 9 10.97 -9.43 9.63
N GLU B 10 11.60 -8.27 9.65
CA GLU B 10 12.36 -7.79 10.77
C GLU B 10 11.74 -6.51 11.31
N LEU B 11 11.67 -6.43 12.63
CA LEU B 11 11.30 -5.24 13.35
C LEU B 11 12.50 -4.81 14.20
N LYS B 12 13.02 -3.62 13.94
CA LYS B 12 14.26 -3.15 14.52
C LYS B 12 14.19 -1.74 15.08
N LYS B 13 14.98 -1.47 16.11
CA LYS B 13 15.00 -0.14 16.71
C LYS B 13 16.02 0.67 15.97
N PRO B 14 15.87 1.98 15.95
CA PRO B 14 16.89 2.83 15.32
C PRO B 14 18.25 2.66 15.99
N GLY B 15 19.33 2.74 15.22
CA GLY B 15 20.68 2.53 15.75
C GLY B 15 21.15 1.10 15.60
N SER B 16 20.23 0.15 15.56
CA SER B 16 20.55 -1.27 15.44
C SER B 16 20.98 -1.65 14.03
N SER B 17 21.34 -2.92 13.85
CA SER B 17 21.67 -3.43 12.54
C SER B 17 20.87 -4.69 12.27
N VAL B 18 20.73 -5.05 11.00
CA VAL B 18 20.02 -6.25 10.61
C VAL B 18 20.74 -6.98 9.47
N LYS B 19 20.63 -8.31 9.46
CA LYS B 19 21.22 -9.13 8.41
C LYS B 19 20.14 -10.01 7.79
N VAL B 20 19.93 -9.80 6.51
CA VAL B 20 18.85 -10.39 5.74
C VAL B 20 19.50 -11.45 4.82
N SER B 21 18.86 -12.60 4.64
CA SER B 21 19.42 -13.68 3.83
C SER B 21 18.58 -14.02 2.59
N CYS B 22 19.21 -14.67 1.62
CA CYS B 22 18.63 -14.96 0.31
C CYS B 22 19.25 -16.27 -0.13
N LYS B 23 18.49 -17.36 0.00
CA LYS B 23 18.99 -18.67 -0.33
C LYS B 23 18.50 -19.07 -1.70
N ALA B 24 19.46 -19.47 -2.53
CA ALA B 24 19.24 -19.80 -3.93
C ALA B 24 19.21 -21.31 -4.17
N SER B 25 18.28 -21.72 -5.02
CA SER B 25 18.05 -23.10 -5.39
C SER B 25 17.84 -23.19 -6.89
N GLY B 26 18.19 -24.34 -7.48
CA GLY B 26 17.74 -24.68 -8.82
C GLY B 26 18.63 -24.19 -9.94
N TYR B 27 19.79 -23.67 -9.55
CA TYR B 27 20.82 -23.29 -10.51
C TYR B 27 22.16 -23.29 -9.77
N ILE B 28 23.23 -23.17 -10.52
CA ILE B 28 24.57 -23.13 -9.95
C ILE B 28 24.79 -21.72 -9.34
N PHE B 29 24.79 -21.65 -8.01
CA PHE B 29 24.86 -20.39 -7.25
C PHE B 29 26.03 -19.51 -7.69
N THR B 30 27.18 -20.12 -7.96
CA THR B 30 28.35 -19.34 -8.32
C THR B 30 28.38 -18.93 -9.76
N SER B 31 27.31 -19.19 -10.52
CA SER B 31 27.29 -18.83 -11.96
C SER B 31 26.55 -17.52 -12.26
N SER B 32 25.97 -16.88 -11.23
CA SER B 32 25.23 -15.63 -11.42
C SER B 32 25.50 -14.70 -10.25
N TRP B 33 25.45 -13.39 -10.48
CA TRP B 33 25.51 -12.40 -9.41
C TRP B 33 24.17 -12.35 -8.64
N ILE B 34 24.24 -11.96 -7.36
CA ILE B 34 23.03 -11.62 -6.60
C ILE B 34 23.01 -10.10 -6.45
N ASN B 35 21.89 -9.52 -6.87
CA ASN B 35 21.60 -8.12 -6.74
C ASN B 35 20.58 -7.92 -5.60
N TRP B 36 20.68 -6.76 -4.97
CA TRP B 36 19.77 -6.34 -3.92
C TRP B 36 19.09 -5.06 -4.32
N VAL B 37 17.78 -4.99 -4.05
CA VAL B 37 16.93 -3.88 -4.43
C VAL B 37 16.05 -3.44 -3.23
N LYS B 38 15.90 -2.15 -3.02
CA LYS B 38 15.03 -1.59 -1.97
C LYS B 38 13.74 -1.03 -2.55
N GLN B 39 12.63 -1.30 -1.89
CA GLN B 39 11.37 -0.68 -2.25
C GLN B 39 10.69 -0.14 -0.99
N ALA B 40 10.88 1.15 -0.76
CA ALA B 40 10.27 1.82 0.38
C ALA B 40 8.76 1.87 0.17
N PRO B 41 7.97 1.92 1.24
CA PRO B 41 6.51 1.75 1.10
C PRO B 41 5.84 2.79 0.23
N GLY B 42 4.93 2.34 -0.62
CA GLY B 42 4.31 3.20 -1.60
C GLY B 42 5.24 3.73 -2.70
N GLN B 43 6.48 3.27 -2.73
CA GLN B 43 7.51 3.82 -3.63
C GLN B 43 8.05 2.81 -4.68
N GLY B 44 9.04 3.26 -5.44
CA GLY B 44 9.62 2.48 -6.52
C GLY B 44 10.81 1.68 -6.04
N LEU B 45 11.58 1.21 -7.00
CA LEU B 45 12.70 0.30 -6.81
C LEU B 45 14.03 1.05 -6.85
N GLU B 46 14.90 0.77 -5.88
CA GLU B 46 16.23 1.37 -5.80
C GLU B 46 17.29 0.28 -5.74
N TRP B 47 18.25 0.28 -6.65
CA TRP B 47 19.32 -0.73 -6.65
C TRP B 47 20.41 -0.43 -5.62
N ILE B 48 20.77 -1.44 -4.83
CA ILE B 48 21.66 -1.30 -3.67
C ILE B 48 23.07 -1.71 -4.07
N GLY B 49 23.19 -2.82 -4.79
CA GLY B 49 24.49 -3.41 -5.08
C GLY B 49 24.44 -4.85 -5.57
N ARG B 50 25.60 -5.42 -5.85
CA ARG B 50 25.68 -6.83 -6.25
C ARG B 50 26.96 -7.50 -5.77
N ILE B 51 26.90 -8.82 -5.71
CA ILE B 51 28.01 -9.60 -5.25
C ILE B 51 28.09 -10.86 -6.11
N ASP B 52 29.32 -11.30 -6.38
CA ASP B 52 29.58 -12.49 -7.16
C ASP B 52 29.85 -13.61 -6.17
N PRO B 53 28.97 -14.59 -6.08
CA PRO B 53 29.17 -15.67 -5.12
C PRO B 53 30.51 -16.40 -5.28
N SER B 54 31.10 -16.43 -6.48
CA SER B 54 32.35 -17.18 -6.74
C SER B 54 33.48 -16.79 -5.85
N ASP B 55 33.62 -15.47 -5.66
CA ASP B 55 34.78 -14.90 -4.96
C ASP B 55 34.45 -13.70 -4.03
N GLY B 56 33.19 -13.25 -4.01
CA GLY B 56 32.80 -12.19 -3.11
C GLY B 56 33.00 -10.81 -3.71
N GLU B 57 33.35 -10.72 -4.99
CA GLU B 57 33.53 -9.42 -5.59
C GLU B 57 32.18 -8.69 -5.43
N VAL B 58 32.25 -7.48 -4.88
CA VAL B 58 31.05 -6.71 -4.54
C VAL B 58 31.17 -5.31 -5.16
N HIS B 59 30.03 -4.80 -5.64
CA HIS B 59 29.91 -3.42 -6.10
C HIS B 59 28.66 -2.80 -5.49
N TYR B 60 28.79 -1.54 -5.08
CA TYR B 60 27.72 -0.84 -4.37
C TYR B 60 27.28 0.40 -5.13
N ASN B 61 25.97 0.64 -5.12
CA ASN B 61 25.42 1.99 -5.27
C ASN B 61 26.02 2.84 -4.16
N GLN B 62 26.64 3.93 -4.54
CA GLN B 62 27.37 4.73 -3.56
C GLN B 62 26.47 5.38 -2.50
N ASP B 63 25.20 5.55 -2.82
CA ASP B 63 24.23 5.97 -1.81
C ASP B 63 24.06 5.00 -0.64
N PHE B 64 24.53 3.77 -0.80
CA PHE B 64 24.41 2.72 0.23
C PHE B 64 25.76 2.29 0.79
N LYS B 65 26.81 3.03 0.47
CA LYS B 65 28.18 2.63 0.81
C LYS B 65 28.40 2.52 2.33
N ASP B 66 27.80 3.41 3.12
CA ASP B 66 27.92 3.33 4.60
C ASP B 66 26.68 2.70 5.27
N LYS B 67 25.84 2.05 4.48
CA LYS B 67 24.58 1.48 4.97
C LYS B 67 24.56 -0.03 4.84
N ALA B 68 24.90 -0.53 3.65
CA ALA B 68 24.74 -1.94 3.31
C ALA B 68 26.07 -2.61 3.14
N THR B 69 26.11 -3.87 3.58
CA THR B 69 27.23 -4.78 3.39
C THR B 69 26.70 -6.11 2.84
N LEU B 70 27.18 -6.46 1.66
CA LEU B 70 26.81 -7.68 0.99
C LEU B 70 27.88 -8.72 1.21
N THR B 71 27.47 -9.92 1.63
CA THR B 71 28.35 -11.09 1.74
C THR B 71 27.64 -12.32 1.14
N VAL B 72 28.41 -13.40 1.02
CA VAL B 72 27.90 -14.67 0.56
C VAL B 72 28.60 -15.81 1.28
N ASP B 73 27.86 -16.89 1.48
CA ASP B 73 28.36 -18.20 1.89
C ASP B 73 28.09 -19.20 0.76
N LYS B 74 29.06 -19.43 -0.13
CA LYS B 74 28.78 -20.31 -1.27
C LYS B 74 28.48 -21.74 -0.85
N SER B 75 29.04 -22.14 0.29
CA SER B 75 28.81 -23.48 0.84
C SER B 75 27.34 -23.78 1.21
N THR B 76 26.54 -22.75 1.53
CA THR B 76 25.10 -22.93 1.81
C THR B 76 24.18 -22.27 0.79
N ASN B 77 24.76 -21.85 -0.34
CA ASN B 77 24.03 -21.18 -1.41
C ASN B 77 23.27 -19.95 -0.92
N THR B 78 23.86 -19.17 -0.01
CA THR B 78 23.13 -18.01 0.47
C THR B 78 23.92 -16.71 0.47
N ALA B 79 23.21 -15.67 0.04
CA ALA B 79 23.73 -14.32 0.07
C ALA B 79 23.09 -13.56 1.22
N TYR B 80 23.85 -12.66 1.79
CA TYR B 80 23.38 -11.86 2.90
C TYR B 80 23.56 -10.41 2.62
N MET B 81 22.69 -9.61 3.22
CA MET B 81 22.81 -8.18 3.21
C MET B 81 22.63 -7.64 4.63
N GLU B 82 23.62 -6.93 5.16
CA GLU B 82 23.56 -6.31 6.48
C GLU B 82 23.33 -4.81 6.32
N LEU B 83 22.33 -4.26 7.01
CA LEU B 83 22.09 -2.83 7.07
C LEU B 83 22.50 -2.26 8.43
N SER B 84 23.29 -1.20 8.47
CA SER B 84 23.79 -0.71 9.75
C SER B 84 23.09 0.59 10.13
N SER B 85 23.19 0.95 11.40
CA SER B 85 22.69 2.24 11.91
C SER B 85 21.30 2.55 11.40
N LEU B 86 20.39 1.63 11.63
CA LEU B 86 19.06 1.70 11.07
C LEU B 86 18.32 2.97 11.47
N ARG B 87 17.66 3.54 10.50
CA ARG B 87 16.77 4.66 10.73
C ARG B 87 15.42 4.41 10.03
N SER B 88 14.48 5.32 10.31
CA SER B 88 13.15 5.30 9.75
C SER B 88 13.15 5.09 8.23
N GLU B 89 14.04 5.79 7.54
CA GLU B 89 14.17 5.78 6.08
C GLU B 89 14.65 4.45 5.50
N ASP B 90 15.18 3.58 6.36
CA ASP B 90 15.53 2.20 5.97
C ASP B 90 14.32 1.24 5.95
N THR B 91 13.15 1.70 6.38
CA THR B 91 11.95 0.87 6.38
C THR B 91 11.58 0.60 4.91
N ALA B 92 11.55 -0.66 4.52
CA ALA B 92 11.30 -1.02 3.13
C ALA B 92 11.22 -2.52 2.98
N VAL B 93 10.72 -2.98 1.83
CA VAL B 93 10.92 -4.35 1.42
C VAL B 93 12.21 -4.40 0.64
N TYR B 94 13.07 -5.36 0.97
CA TYR B 94 14.36 -5.53 0.29
C TYR B 94 14.29 -6.84 -0.47
N TYR B 95 14.60 -6.81 -1.76
CA TYR B 95 14.56 -8.01 -2.61
C TYR B 95 15.97 -8.40 -3.04
N CYS B 96 16.22 -9.69 -3.16
CA CYS B 96 17.42 -10.14 -3.89
C CYS B 96 16.95 -10.63 -5.24
N ALA B 97 17.86 -10.65 -6.21
CA ALA B 97 17.51 -10.94 -7.58
C ALA B 97 18.74 -11.43 -8.29
N ARG B 98 18.56 -12.54 -8.99
CA ARG B 98 19.66 -13.22 -9.66
C ARG B 98 19.95 -12.47 -10.95
N GLY B 99 21.22 -12.25 -11.23
CA GLY B 99 21.65 -11.43 -12.35
C GLY B 99 22.74 -12.14 -13.11
N PHE B 100 22.39 -12.54 -14.35
CA PHE B 100 23.34 -13.14 -15.30
C PHE B 100 23.58 -12.11 -16.44
N LEU B 101 22.56 -11.95 -17.26
CA LEU B 101 22.55 -10.99 -18.34
C LEU B 101 21.99 -9.69 -17.74
N PRO B 102 22.04 -8.56 -18.46
CA PRO B 102 21.56 -7.27 -17.92
C PRO B 102 20.03 -7.20 -17.75
N TRP B 103 19.52 -8.12 -16.93
CA TRP B 103 18.13 -8.12 -16.53
C TRP B 103 17.88 -9.09 -15.37
N PHE B 104 16.75 -8.93 -14.71
CA PHE B 104 16.49 -9.59 -13.45
C PHE B 104 15.26 -10.46 -13.63
N ALA B 105 15.51 -11.72 -13.96
CA ALA B 105 14.45 -12.70 -14.17
C ALA B 105 13.95 -13.30 -12.88
N ASP B 106 14.87 -13.65 -11.99
CA ASP B 106 14.49 -14.43 -10.80
C ASP B 106 14.66 -13.55 -9.58
N TRP B 107 13.56 -13.32 -8.87
CA TRP B 107 13.54 -12.44 -7.70
C TRP B 107 13.13 -13.23 -6.48
N GLY B 108 13.70 -12.90 -5.32
CA GLY B 108 13.20 -13.43 -4.06
C GLY B 108 11.85 -12.81 -3.76
N GLN B 109 11.19 -13.29 -2.70
CA GLN B 109 9.85 -12.84 -2.34
C GLN B 109 9.84 -11.52 -1.58
N GLY B 110 11.01 -11.02 -1.18
CA GLY B 110 11.14 -9.78 -0.44
C GLY B 110 11.20 -10.03 1.07
N THR B 111 11.91 -9.15 1.78
CA THR B 111 11.99 -9.12 3.24
C THR B 111 11.66 -7.69 3.70
N LEU B 112 10.59 -7.55 4.47
CA LEU B 112 10.21 -6.30 5.05
C LEU B 112 11.08 -6.04 6.27
N VAL B 113 11.72 -4.89 6.28
CA VAL B 113 12.43 -4.39 7.47
C VAL B 113 11.67 -3.12 7.92
N THR B 114 11.16 -3.16 9.14
CA THR B 114 10.52 -2.00 9.70
C THR B 114 11.37 -1.45 10.86
N VAL B 115 11.63 -0.16 10.80
CA VAL B 115 12.46 0.50 11.80
C VAL B 115 11.61 1.46 12.59
N SER B 116 11.54 1.23 13.89
CA SER B 116 10.69 2.03 14.76
C SER B 116 11.13 1.89 16.21
N SER B 117 11.01 2.98 16.96
CA SER B 117 11.28 2.97 18.40
C SER B 117 10.05 2.55 19.21
N ALA B 118 8.91 2.30 18.55
CA ALA B 118 7.71 1.85 19.24
C ALA B 118 7.86 0.45 19.82
N SER B 119 7.02 0.15 20.80
CA SER B 119 6.97 -1.16 21.42
C SER B 119 5.60 -1.80 21.16
N THR B 120 5.55 -3.12 21.25
CA THR B 120 4.36 -3.90 20.96
C THR B 120 3.19 -3.50 21.85
N LYS B 121 2.02 -3.32 21.21
CA LYS B 121 0.84 -2.86 21.88
C LYS B 121 -0.38 -3.35 21.10
N GLY B 122 -1.31 -3.98 21.80
CA GLY B 122 -2.56 -4.40 21.22
C GLY B 122 -3.52 -3.23 21.06
N PRO B 123 -4.46 -3.32 20.10
CA PRO B 123 -5.37 -2.21 19.81
C PRO B 123 -6.53 -2.07 20.79
N SER B 124 -7.05 -0.85 20.89
CA SER B 124 -8.41 -0.59 21.37
C SER B 124 -9.35 -0.68 20.18
N VAL B 125 -10.50 -1.33 20.36
CA VAL B 125 -11.46 -1.44 19.27
C VAL B 125 -12.75 -0.69 19.63
N PHE B 126 -13.04 0.36 18.88
CA PHE B 126 -14.15 1.22 19.14
C PHE B 126 -15.19 1.09 18.02
N PRO B 127 -16.47 1.31 18.33
CA PRO B 127 -17.51 1.14 17.34
C PRO B 127 -17.65 2.39 16.47
N LEU B 128 -17.95 2.16 15.19
CA LEU B 128 -18.44 3.16 14.25
C LEU B 128 -19.93 2.84 14.07
N ALA B 129 -20.76 3.47 14.87
CA ALA B 129 -22.15 3.03 15.03
C ALA B 129 -23.00 3.57 13.88
N PRO B 130 -23.94 2.79 13.33
CA PRO B 130 -24.76 3.26 12.22
C PRO B 130 -25.65 4.39 12.68
N SER B 131 -25.74 5.41 11.83
CA SER B 131 -26.42 6.66 12.16
C SER B 131 -27.94 6.49 12.40
N SER B 132 -28.48 7.42 13.19
CA SER B 132 -29.92 7.58 13.46
C SER B 132 -30.79 7.86 12.21
N LYS B 133 -30.31 8.75 11.35
CA LYS B 133 -30.99 9.08 10.08
C LYS B 133 -30.05 9.84 9.15
N SER B 134 -30.22 9.68 7.85
CA SER B 134 -29.33 10.37 6.91
C SER B 134 -29.36 9.87 5.46
N THR B 135 -28.24 9.28 5.03
CA THR B 135 -27.99 8.76 3.67
C THR B 135 -28.81 9.33 2.49
N SER B 136 -28.76 8.58 1.40
CA SER B 136 -29.56 8.79 0.21
C SER B 136 -30.41 7.55 -0.08
N GLY B 137 -30.82 6.85 0.98
CA GLY B 137 -31.70 5.69 0.83
C GLY B 137 -31.75 4.69 1.98
N GLY B 138 -31.76 3.40 1.62
CA GLY B 138 -31.99 2.33 2.56
C GLY B 138 -30.76 1.46 2.77
N THR B 139 -29.59 2.08 2.77
CA THR B 139 -28.36 1.42 3.19
C THR B 139 -27.66 2.24 4.28
N ALA B 140 -27.20 1.55 5.31
CA ALA B 140 -26.48 2.16 6.42
C ALA B 140 -25.05 1.66 6.39
N ALA B 141 -24.14 2.42 6.98
CA ALA B 141 -22.76 2.01 7.17
C ALA B 141 -22.52 1.85 8.67
N LEU B 142 -21.70 0.86 9.00
CA LEU B 142 -21.17 0.71 10.33
C LEU B 142 -19.75 0.16 10.25
N GLY B 143 -19.08 0.07 11.38
CA GLY B 143 -17.68 -0.35 11.36
C GLY B 143 -17.00 -0.44 12.69
N CYS B 144 -15.71 -0.74 12.66
CA CYS B 144 -14.88 -0.71 13.84
C CYS B 144 -13.62 0.09 13.60
N LEU B 145 -13.23 0.86 14.60
CA LEU B 145 -11.99 1.58 14.58
C LEU B 145 -11.06 0.81 15.46
N VAL B 146 -9.96 0.36 14.86
CA VAL B 146 -8.89 -0.41 15.50
C VAL B 146 -7.69 0.50 15.72
N LYS B 147 -7.58 1.01 16.93
CA LYS B 147 -6.71 2.14 17.22
C LYS B 147 -5.57 1.79 18.17
N ASP B 148 -4.42 2.36 17.85
CA ASP B 148 -3.25 2.43 18.71
C ASP B 148 -2.62 1.07 18.93
N TYR B 149 -2.20 0.45 17.83
CA TYR B 149 -1.49 -0.81 17.94
C TYR B 149 -0.12 -0.72 17.28
N PHE B 150 0.75 -1.66 17.66
CA PHE B 150 2.04 -1.81 17.01
C PHE B 150 2.57 -3.22 17.21
N PRO B 151 3.22 -3.82 16.24
CA PRO B 151 3.31 -3.38 14.84
C PRO B 151 2.15 -3.88 13.99
N GLU B 152 2.19 -3.61 12.69
CA GLU B 152 1.32 -4.30 11.74
C GLU B 152 1.66 -5.79 11.75
N PRO B 153 0.77 -6.66 11.28
CA PRO B 153 -0.57 -6.31 10.86
C PRO B 153 -1.63 -6.58 11.92
N VAL B 154 -2.86 -6.27 11.55
CA VAL B 154 -4.06 -6.61 12.24
C VAL B 154 -4.99 -7.26 11.21
N THR B 155 -5.73 -8.29 11.61
CA THR B 155 -6.84 -8.77 10.77
C THR B 155 -8.24 -8.44 11.34
N VAL B 156 -9.18 -8.17 10.43
CA VAL B 156 -10.56 -7.94 10.76
C VAL B 156 -11.48 -8.84 9.91
N SER B 157 -12.42 -9.50 10.55
CA SER B 157 -13.51 -10.15 9.84
C SER B 157 -14.80 -9.65 10.45
N TRP B 158 -15.90 -9.95 9.78
CA TRP B 158 -17.24 -9.61 10.26
C TRP B 158 -18.06 -10.89 10.37
N ASN B 159 -18.72 -11.04 11.52
CA ASN B 159 -19.56 -12.21 11.80
C ASN B 159 -18.83 -13.52 11.54
N SER B 160 -17.57 -13.57 11.96
CA SER B 160 -16.69 -14.73 11.93
C SER B 160 -16.43 -15.20 10.50
N GLY B 161 -16.47 -14.27 9.55
CA GLY B 161 -16.29 -14.61 8.15
C GLY B 161 -17.59 -14.79 7.38
N ALA B 162 -18.72 -14.89 8.06
CA ALA B 162 -20.03 -15.00 7.41
C ALA B 162 -20.41 -13.75 6.61
N LEU B 163 -19.89 -12.58 6.98
CA LEU B 163 -20.19 -11.33 6.28
C LEU B 163 -18.98 -10.77 5.54
N THR B 164 -19.03 -10.79 4.21
CA THR B 164 -17.95 -10.25 3.37
C THR B 164 -18.42 -9.21 2.36
N SER B 165 -19.64 -9.31 1.87
CA SER B 165 -20.12 -8.38 0.87
C SER B 165 -20.36 -7.00 1.55
N GLY B 166 -19.89 -5.96 0.90
CA GLY B 166 -19.99 -4.61 1.44
C GLY B 166 -18.88 -4.27 2.40
N VAL B 167 -17.97 -5.21 2.69
CA VAL B 167 -16.92 -4.99 3.66
C VAL B 167 -15.76 -4.24 3.01
N HIS B 168 -15.30 -3.18 3.64
CA HIS B 168 -14.04 -2.56 3.26
C HIS B 168 -13.19 -2.40 4.52
N THR B 169 -12.01 -3.03 4.51
CA THR B 169 -11.03 -2.87 5.54
C THR B 169 -9.87 -2.06 4.98
N PHE B 170 -9.56 -0.94 5.61
CA PHE B 170 -8.66 0.04 5.02
C PHE B 170 -7.23 -0.21 5.40
N PRO B 171 -6.29 0.27 4.58
CA PRO B 171 -4.88 0.35 5.01
C PRO B 171 -4.77 1.15 6.32
N ALA B 172 -3.96 0.65 7.24
CA ALA B 172 -3.64 1.37 8.46
C ALA B 172 -2.88 2.66 8.14
N VAL B 173 -3.01 3.65 9.01
CA VAL B 173 -2.21 4.85 8.96
C VAL B 173 -1.28 4.79 10.16
N LEU B 174 -0.10 5.35 9.98
CA LEU B 174 0.87 5.48 11.05
C LEU B 174 0.73 6.85 11.68
N GLN B 175 0.41 6.86 12.97
CA GLN B 175 0.22 8.10 13.71
C GLN B 175 1.58 8.64 14.20
N SER B 176 1.57 9.86 14.70
CA SER B 176 2.78 10.54 15.16
C SER B 176 3.29 9.89 16.46
N SER B 177 2.40 9.26 17.21
CA SER B 177 2.75 8.42 18.38
C SER B 177 3.63 7.21 18.05
N GLY B 178 3.69 6.81 16.78
CA GLY B 178 4.41 5.61 16.39
C GLY B 178 3.48 4.41 16.27
N LEU B 179 2.22 4.58 16.64
CA LEU B 179 1.25 3.48 16.63
C LEU B 179 0.34 3.58 15.40
N TYR B 180 -0.21 2.46 14.97
CA TYR B 180 -1.11 2.41 13.83
C TYR B 180 -2.59 2.52 14.25
N SER B 181 -3.40 2.96 13.31
CA SER B 181 -4.85 3.00 13.42
C SER B 181 -5.47 2.55 12.09
N LEU B 182 -6.50 1.71 12.17
CA LEU B 182 -7.16 1.16 11.01
C LEU B 182 -8.68 1.13 11.22
N SER B 183 -9.41 1.32 10.15
CA SER B 183 -10.85 1.17 10.15
C SER B 183 -11.32 0.03 9.22
N SER B 184 -12.41 -0.61 9.63
CA SER B 184 -13.10 -1.59 8.83
C SER B 184 -14.55 -1.23 8.91
N VAL B 185 -15.20 -1.15 7.76
CA VAL B 185 -16.62 -0.80 7.66
C VAL B 185 -17.35 -1.81 6.80
N VAL B 186 -18.66 -1.74 6.88
CA VAL B 186 -19.54 -2.53 6.06
C VAL B 186 -20.79 -1.74 5.80
N THR B 187 -21.31 -1.84 4.58
CA THR B 187 -22.62 -1.29 4.27
C THR B 187 -23.63 -2.43 4.24
N VAL B 188 -24.80 -2.16 4.80
CA VAL B 188 -25.87 -3.17 4.97
C VAL B 188 -27.19 -2.47 4.78
N PRO B 189 -28.26 -3.23 4.52
CA PRO B 189 -29.62 -2.64 4.51
C PRO B 189 -30.00 -2.00 5.85
N SER B 190 -30.43 -0.75 5.83
CA SER B 190 -30.82 -0.08 7.07
C SER B 190 -31.96 -0.80 7.83
N SER B 191 -32.77 -1.60 7.12
CA SER B 191 -33.86 -2.37 7.74
C SER B 191 -33.35 -3.55 8.58
N SER B 192 -32.16 -4.04 8.21
CA SER B 192 -31.44 -5.07 8.97
C SER B 192 -30.91 -4.59 10.33
N LEU B 193 -30.87 -3.28 10.58
CA LEU B 193 -30.19 -2.77 11.77
C LEU B 193 -30.81 -3.26 13.10
N GLY B 194 -32.13 -3.46 13.11
CA GLY B 194 -32.82 -3.90 14.32
C GLY B 194 -32.78 -5.40 14.61
N THR B 195 -32.54 -6.19 13.57
CA THR B 195 -32.67 -7.64 13.65
C THR B 195 -31.33 -8.42 13.51
N GLN B 196 -30.39 -7.95 12.68
CA GLN B 196 -29.17 -8.69 12.40
C GLN B 196 -28.04 -8.15 13.29
N THR B 197 -27.35 -9.03 13.97
CA THR B 197 -26.18 -8.63 14.74
C THR B 197 -24.95 -8.55 13.81
N TYR B 198 -24.08 -7.59 14.11
CA TYR B 198 -22.84 -7.32 13.41
C TYR B 198 -21.72 -7.23 14.45
N ILE B 199 -20.75 -8.12 14.33
CA ILE B 199 -19.61 -8.18 15.21
C ILE B 199 -18.36 -8.12 14.36
N CYS B 200 -17.40 -7.25 14.69
CA CYS B 200 -16.10 -7.28 14.02
C CYS B 200 -15.15 -8.06 14.89
N ASN B 201 -14.44 -8.97 14.25
CA ASN B 201 -13.48 -9.85 14.91
C ASN B 201 -12.08 -9.34 14.57
N VAL B 202 -11.37 -8.84 15.56
CA VAL B 202 -10.07 -8.26 15.40
C VAL B 202 -9.02 -9.19 16.05
N ASN B 203 -7.92 -9.41 15.35
CA ASN B 203 -6.78 -10.20 15.85
C ASN B 203 -5.50 -9.44 15.55
N HIS B 204 -4.78 -9.08 16.60
CA HIS B 204 -3.45 -8.52 16.52
C HIS B 204 -2.49 -9.56 17.10
N LYS B 205 -2.02 -10.44 16.22
CA LYS B 205 -1.16 -11.55 16.63
C LYS B 205 0.11 -11.17 17.38
N PRO B 206 0.83 -10.12 17.01
CA PRO B 206 2.04 -9.72 17.76
C PRO B 206 1.91 -9.43 19.27
N SER B 207 0.76 -8.89 19.71
CA SER B 207 0.44 -8.70 21.13
C SER B 207 -0.51 -9.79 21.66
N ASN B 208 -0.84 -10.77 20.83
CA ASN B 208 -1.78 -11.83 21.24
C ASN B 208 -3.11 -11.23 21.70
N THR B 209 -3.60 -10.25 20.94
CA THR B 209 -4.87 -9.56 21.29
C THR B 209 -5.98 -9.90 20.32
N LYS B 210 -7.03 -10.54 20.80
CA LYS B 210 -8.22 -10.78 19.97
C LYS B 210 -9.41 -10.10 20.63
N VAL B 211 -10.21 -9.43 19.82
CA VAL B 211 -11.45 -8.80 20.29
C VAL B 211 -12.59 -9.01 19.32
N ASP B 212 -13.75 -9.28 19.89
CA ASP B 212 -14.99 -9.31 19.15
C ASP B 212 -15.77 -8.12 19.68
N LYS B 213 -16.10 -7.17 18.80
CA LYS B 213 -16.83 -5.96 19.17
C LYS B 213 -18.20 -6.00 18.45
N LYS B 214 -19.28 -6.09 19.21
CA LYS B 214 -20.60 -6.00 18.63
C LYS B 214 -20.90 -4.53 18.39
N VAL B 215 -21.32 -4.18 17.18
CA VAL B 215 -21.62 -2.80 16.84
C VAL B 215 -23.11 -2.66 16.53
N GLU B 216 -23.74 -1.69 17.17
CA GLU B 216 -25.16 -1.43 16.95
C GLU B 216 -25.46 0.09 17.01
N PRO B 217 -26.67 0.48 16.57
CA PRO B 217 -27.13 1.88 16.70
C PRO B 217 -27.03 2.39 18.14
N LYS B 218 -26.49 3.59 18.33
CA LYS B 218 -26.60 4.35 19.59
C LYS B 218 -25.58 5.52 19.68
N SER B 219 -25.83 6.51 18.81
CA SER B 219 -25.13 7.80 18.79
C SER B 219 -26.07 8.93 19.29
N CYS B 220 -27.22 9.08 18.64
CA CYS B 220 -28.35 9.89 19.19
C CYS B 220 -29.70 9.24 18.94
#